data_4BH4
#
_entry.id   4BH4
#
_cell.length_a   101.744
_cell.length_b   101.744
_cell.length_c   329.929
_cell.angle_alpha   90.00
_cell.angle_beta   90.00
_cell.angle_gamma   120.00
#
_symmetry.space_group_name_H-M   'H 3 2'
#
loop_
_entity.id
_entity.type
_entity.pdbx_description
1 polymer HEMAGGLUTININ
2 polymer HEMAGGLUTININ
3 branched beta-D-mannopyranose-(1-3)-[alpha-D-mannopyranose-(1-6)]beta-D-mannopyranose-(1-4)-2-acetamido-2-deoxy-beta-D-glucopyranose-(1-4)-[alpha-L-fucopyranose-(1-6)]2-acetamido-2-deoxy-beta-D-glucopyranose
4 branched 'N-acetyl-alpha-neuraminic acid-(2-3)-beta-D-galactopyranose-(1-4)-2-acetamido-2-deoxy-beta-D-glucopyranose'
5 non-polymer 2-acetamido-2-deoxy-beta-D-glucopyranose
6 non-polymer '4-(2-HYDROXYETHYL)-1-PIPERAZINE ETHANESULFONIC ACID'
7 water water
#
loop_
_entity_poly.entity_id
_entity_poly.type
_entity_poly.pdbx_seq_one_letter_code
_entity_poly.pdbx_strand_id
1 'polypeptide(L)'
;DPDQICIGYHANNSTEQVDTIMEKNVTVTHAQDILEKKHNGKLCDLDGVKPLILRDCSVAGWLLGNPMCDEFINVPEWSY
IVEKANPVNDLCYPGDFNDYEELKHLLSRINHFEKIQIIPKSSWSSHEASLGVSSACPYQGKSSFFRNVVWLIKKDSTYP
TIKRSYNNTNQEDLLVLWGIHHPNDAAEQTKLYQNPTTYISVGTSTLNQRLVPRIATRSKVKGLSGRMEFFWTILKPNDA
INFESNGNFIAPEYAYKIVKKGDSTIMKSELEYGNCNTKCQTPMGAINSSMPFHNIHPLTIGECPKYVKSNRLVLAIGLR
NSPQRETR
;
A
2 'polypeptide(L)'
;GLFGAIAGFIEGGWQGMVDGWYGYHHSNEQGSGYAADKESTQKAIDGVTNKVNSIIDKMNTQFEAVGREFNNLERRIENL
NKKMEDGFLDVWTYNAELLVLMENERTLDFHDSNVKNLYDKVRLQLRDNAKELGNGCFEFYHKCDNECMESVRNGTYDYP
QYSEEAR
;
B
#
loop_
_chem_comp.id
_chem_comp.type
_chem_comp.name
_chem_comp.formula
BMA D-saccharide, beta linking beta-D-mannopyranose 'C6 H12 O6'
EPE non-polymer '4-(2-HYDROXYETHYL)-1-PIPERAZINE ETHANESULFONIC ACID' 'C8 H18 N2 O4 S'
FUC L-saccharide, alpha linking alpha-L-fucopyranose 'C6 H12 O5'
GAL D-saccharide, beta linking beta-D-galactopyranose 'C6 H12 O6'
MAN D-saccharide, alpha linking alpha-D-mannopyranose 'C6 H12 O6'
NAG D-saccharide, beta linking 2-acetamido-2-deoxy-beta-D-glucopyranose 'C8 H15 N O6'
SIA D-saccharide, alpha linking 'N-acetyl-alpha-neuraminic acid' 'C11 H19 N O9'
#
# COMPACT_ATOMS: atom_id res chain seq x y z
N ASP A 1 -12.98 -58.01 -30.43
CA ASP A 1 -13.88 -56.84 -30.24
C ASP A 1 -13.55 -55.73 -31.23
N PRO A 2 -14.55 -54.93 -31.63
CA PRO A 2 -14.25 -53.89 -32.61
C PRO A 2 -13.35 -52.81 -32.02
N ASP A 3 -12.53 -52.20 -32.87
CA ASP A 3 -11.61 -51.15 -32.45
C ASP A 3 -12.39 -49.88 -32.13
N GLN A 4 -11.86 -49.07 -31.20
CA GLN A 4 -12.50 -47.82 -30.79
C GLN A 4 -11.51 -46.67 -30.71
N ILE A 5 -11.96 -45.47 -31.04
CA ILE A 5 -11.27 -44.24 -30.64
C ILE A 5 -12.23 -43.33 -29.85
N CYS A 6 -11.70 -42.70 -28.81
CA CYS A 6 -12.50 -41.93 -27.87
C CYS A 6 -11.87 -40.57 -27.69
N ILE A 7 -12.71 -39.57 -27.46
CA ILE A 7 -12.27 -38.22 -27.16
C ILE A 7 -12.48 -37.99 -25.68
N GLY A 8 -11.55 -37.29 -25.05
CA GLY A 8 -11.60 -37.10 -23.61
C GLY A 8 -10.69 -35.98 -23.16
N TYR A 9 -10.58 -35.84 -21.84
CA TYR A 9 -9.88 -34.72 -21.26
C TYR A 9 -9.16 -35.12 -19.98
N HIS A 10 -8.23 -34.26 -19.58
CA HIS A 10 -7.32 -34.50 -18.47
C HIS A 10 -8.03 -34.49 -17.10
N ALA A 11 -7.60 -35.39 -16.22
CA ALA A 11 -7.97 -35.37 -14.81
C ALA A 11 -6.68 -35.53 -14.03
N ASN A 12 -6.69 -35.12 -12.76
CA ASN A 12 -5.53 -35.32 -11.90
C ASN A 12 -5.95 -35.44 -10.42
N ASN A 13 -4.99 -35.41 -9.51
CA ASN A 13 -5.27 -35.56 -8.08
C ASN A 13 -5.61 -34.26 -7.35
N SER A 14 -5.79 -33.17 -8.09
CA SER A 14 -6.14 -31.88 -7.49
C SER A 14 -7.46 -31.92 -6.70
N THR A 15 -7.46 -31.33 -5.51
CA THR A 15 -8.69 -31.12 -4.74
C THR A 15 -9.02 -29.63 -4.65
N GLU A 16 -8.33 -28.81 -5.44
CA GLU A 16 -8.57 -27.37 -5.45
C GLU A 16 -9.98 -27.06 -5.92
N GLN A 17 -10.64 -26.15 -5.22
CA GLN A 17 -11.99 -25.74 -5.58
C GLN A 17 -12.08 -24.27 -5.97
N VAL A 18 -12.98 -23.98 -6.90
CA VAL A 18 -13.32 -22.62 -7.25
C VAL A 18 -14.83 -22.48 -7.21
N ASP A 19 -15.29 -21.24 -7.16
CA ASP A 19 -16.70 -20.95 -7.30
C ASP A 19 -16.94 -20.34 -8.67
N THR A 20 -18.10 -20.64 -9.24
CA THR A 20 -18.54 -20.03 -10.50
C THR A 20 -19.83 -19.31 -10.22
N ILE A 21 -20.26 -18.46 -11.15
CA ILE A 21 -21.50 -17.70 -10.94
C ILE A 21 -22.71 -18.64 -10.76
N MET A 22 -22.68 -19.82 -11.35
CA MET A 22 -23.82 -20.74 -11.23
C MET A 22 -23.64 -21.94 -10.29
N GLU A 23 -22.42 -22.14 -9.81
CA GLU A 23 -22.10 -23.32 -9.00
C GLU A 23 -20.96 -23.06 -8.01
N LYS A 24 -21.17 -23.41 -6.75
CA LYS A 24 -20.13 -23.25 -5.74
C LYS A 24 -19.27 -24.50 -5.65
N ASN A 25 -18.03 -24.33 -5.18
CA ASN A 25 -17.17 -25.45 -4.83
C ASN A 25 -17.01 -26.48 -5.96
N VAL A 26 -16.57 -26.01 -7.12
CA VAL A 26 -16.26 -26.86 -8.25
C VAL A 26 -14.79 -27.28 -8.17
N THR A 27 -14.52 -28.59 -8.15
CA THR A 27 -13.13 -29.06 -8.11
C THR A 27 -12.53 -28.96 -9.51
N VAL A 28 -11.31 -28.43 -9.61
CA VAL A 28 -10.63 -28.21 -10.90
C VAL A 28 -9.20 -28.78 -10.88
N THR A 29 -8.61 -28.96 -12.05
CA THR A 29 -7.28 -29.58 -12.15
C THR A 29 -6.14 -28.62 -11.77
N HIS A 30 -6.40 -27.32 -11.96
CA HIS A 30 -5.44 -26.28 -11.60
C HIS A 30 -6.16 -24.94 -11.41
N ALA A 31 -5.71 -24.16 -10.42
CA ALA A 31 -6.32 -22.88 -10.09
C ALA A 31 -5.22 -21.91 -9.68
N GLN A 32 -5.55 -20.62 -9.62
CA GLN A 32 -4.58 -19.58 -9.27
C GLN A 32 -5.26 -18.47 -8.47
N ASP A 33 -4.73 -18.18 -7.28
CA ASP A 33 -5.27 -17.10 -6.44
C ASP A 33 -4.68 -15.76 -6.89
N ILE A 34 -5.54 -14.76 -7.05
CA ILE A 34 -5.10 -13.42 -7.46
C ILE A 34 -5.18 -12.41 -6.31
N LEU A 35 -5.47 -12.88 -5.10
CA LEU A 35 -5.50 -12.05 -3.90
C LEU A 35 -4.17 -12.16 -3.15
N GLU A 36 -3.50 -11.02 -2.94
CA GLU A 36 -2.31 -11.01 -2.07
C GLU A 36 -2.72 -10.97 -0.59
N LYS A 37 -2.25 -11.95 0.18
CA LYS A 37 -2.56 -12.06 1.61
C LYS A 37 -1.33 -12.00 2.51
N LYS A 38 -0.13 -11.92 1.94
CA LYS A 38 1.10 -12.01 2.71
C LYS A 38 1.82 -10.67 2.79
N HIS A 39 2.53 -10.47 3.90
CA HIS A 39 3.36 -9.30 4.13
C HIS A 39 4.61 -9.78 4.85
N ASN A 40 5.68 -8.97 4.87
CA ASN A 40 6.98 -9.40 5.42
C ASN A 40 7.24 -9.03 6.89
N GLY A 41 6.29 -8.33 7.50
CA GLY A 41 6.32 -8.06 8.93
C GLY A 41 7.28 -6.96 9.32
N LYS A 42 7.75 -6.19 8.34
CA LYS A 42 8.78 -5.17 8.56
C LYS A 42 8.45 -3.85 7.88
N LEU A 43 9.02 -2.75 8.40
CA LEU A 43 9.00 -1.46 7.71
C LEU A 43 10.20 -1.40 6.80
N CYS A 44 9.97 -1.00 5.56
CA CYS A 44 11.00 -1.04 4.54
C CYS A 44 11.19 0.31 3.86
N ASP A 45 12.29 0.43 3.13
CA ASP A 45 12.50 1.55 2.21
C ASP A 45 11.39 1.51 1.16
N LEU A 46 11.03 2.68 0.67
CA LEU A 46 10.09 2.80 -0.44
C LEU A 46 10.86 3.29 -1.67
N ASP A 47 11.11 2.39 -2.62
CA ASP A 47 11.77 2.70 -3.92
C ASP A 47 13.07 3.54 -4.02
N GLY A 48 14.20 3.20 -3.41
CA GLY A 48 14.35 2.52 -2.13
C GLY A 48 14.96 3.63 -1.27
N VAL A 49 14.09 4.53 -0.84
CA VAL A 49 14.43 5.62 0.06
C VAL A 49 13.86 5.26 1.41
N LYS A 50 14.69 5.37 2.45
CA LYS A 50 14.34 4.92 3.80
C LYS A 50 13.31 5.84 4.45
N PRO A 51 12.42 5.29 5.29
CA PRO A 51 11.54 6.17 6.04
C PRO A 51 12.29 6.85 7.19
N LEU A 52 11.69 7.92 7.69
CA LEU A 52 12.14 8.53 8.95
C LEU A 52 11.36 7.86 10.08
N ILE A 53 12.06 7.16 10.95
CA ILE A 53 11.44 6.36 12.02
C ILE A 53 11.62 7.08 13.35
N LEU A 54 10.54 7.64 13.90
CA LEU A 54 10.67 8.55 15.05
C LEU A 54 10.69 7.87 16.42
N ARG A 55 10.61 6.55 16.46
CA ARG A 55 10.73 5.79 17.71
C ARG A 55 9.73 6.28 18.76
N ASP A 56 10.18 6.95 19.82
CA ASP A 56 9.27 7.36 20.88
C ASP A 56 8.99 8.87 20.86
N CYS A 57 9.14 9.48 19.68
CA CYS A 57 8.99 10.93 19.54
C CYS A 57 7.95 11.29 18.51
N SER A 58 7.29 12.42 18.75
CA SER A 58 6.37 12.98 17.78
C SER A 58 7.17 13.83 16.82
N VAL A 59 6.57 14.19 15.69
CA VAL A 59 7.22 15.09 14.76
C VAL A 59 7.59 16.40 15.46
N ALA A 60 6.68 16.94 16.26
CA ALA A 60 6.94 18.19 16.97
C ALA A 60 8.14 18.11 17.93
N GLY A 61 8.19 17.04 18.74
CA GLY A 61 9.32 16.84 19.66
C GLY A 61 10.64 16.72 18.93
N TRP A 62 10.62 15.99 17.81
CA TRP A 62 11.79 15.83 16.96
C TRP A 62 12.27 17.17 16.38
N LEU A 63 11.36 17.93 15.75
CA LEU A 63 11.70 19.24 15.18
C LEU A 63 12.18 20.25 16.21
N LEU A 64 11.48 20.34 17.33
CA LEU A 64 11.82 21.33 18.36
C LEU A 64 13.03 20.92 19.20
N GLY A 65 13.36 19.63 19.18
CA GLY A 65 14.46 19.11 19.96
C GLY A 65 14.12 18.89 21.42
N ASN A 66 12.95 18.29 21.67
CA ASN A 66 12.60 17.79 23.01
C ASN A 66 13.79 16.97 23.54
N PRO A 67 14.32 17.34 24.71
CA PRO A 67 15.57 16.71 25.20
C PRO A 67 15.39 15.26 25.65
N MET A 68 14.15 14.85 25.88
CA MET A 68 13.82 13.47 26.25
C MET A 68 13.85 12.59 25.00
N CYS A 69 13.85 13.22 23.83
CA CYS A 69 14.03 12.52 22.56
C CYS A 69 15.46 12.08 22.35
N ASP A 70 15.64 11.12 21.45
CA ASP A 70 16.98 10.68 21.05
C ASP A 70 17.73 11.83 20.39
N GLU A 71 19.06 11.77 20.48
CA GLU A 71 19.92 12.77 19.88
C GLU A 71 19.59 12.90 18.39
N PHE A 72 19.64 14.13 17.87
CA PHE A 72 19.37 14.38 16.46
C PHE A 72 20.45 13.74 15.59
N ILE A 73 20.09 12.63 14.94
CA ILE A 73 20.93 12.02 13.90
C ILE A 73 20.39 12.50 12.56
N ASN A 74 21.26 13.10 11.75
CA ASN A 74 20.84 13.60 10.44
C ASN A 74 20.40 12.47 9.51
N VAL A 75 19.21 12.64 8.95
CA VAL A 75 18.72 11.82 7.86
C VAL A 75 18.34 12.81 6.77
N PRO A 76 19.16 12.91 5.71
CA PRO A 76 18.99 13.99 4.74
C PRO A 76 17.84 13.82 3.75
N GLU A 77 17.25 12.62 3.67
CA GLU A 77 16.06 12.40 2.84
C GLU A 77 15.23 11.27 3.43
N TRP A 78 13.93 11.28 3.19
CA TRP A 78 13.09 10.14 3.52
C TRP A 78 11.83 10.09 2.67
N SER A 79 11.21 8.90 2.64
CA SER A 79 10.06 8.63 1.77
C SER A 79 8.71 8.75 2.50
N TYR A 80 8.72 8.41 3.78
CA TYR A 80 7.55 8.58 4.64
C TYR A 80 7.98 8.64 6.10
N ILE A 81 7.10 9.12 6.96
CA ILE A 81 7.39 9.20 8.40
C ILE A 81 6.60 8.14 9.14
N VAL A 82 7.26 7.52 10.11
CA VAL A 82 6.64 6.54 10.97
C VAL A 82 6.65 7.04 12.42
N GLU A 83 5.44 7.19 12.98
CA GLU A 83 5.23 7.52 14.37
C GLU A 83 4.57 6.33 15.03
N LYS A 84 4.85 6.13 16.31
CA LYS A 84 4.03 5.22 17.10
C LYS A 84 2.67 5.88 17.30
N ALA A 85 1.65 5.09 17.62
CA ALA A 85 0.27 5.59 17.72
C ALA A 85 0.18 6.72 18.74
N ASN A 86 0.86 6.55 19.88
CA ASN A 86 0.87 7.54 20.95
C ASN A 86 2.30 7.79 21.44
N PRO A 87 3.07 8.63 20.73
CA PRO A 87 4.47 8.88 21.11
C PRO A 87 4.57 9.46 22.52
N VAL A 88 5.46 8.91 23.34
CA VAL A 88 5.61 9.36 24.72
C VAL A 88 6.26 10.76 24.83
N ASN A 89 7.11 11.11 23.87
CA ASN A 89 7.83 12.39 23.91
C ASN A 89 7.37 13.34 22.81
N ASP A 90 6.59 14.34 23.20
CA ASP A 90 5.96 15.26 22.26
C ASP A 90 6.37 16.68 22.67
N LEU A 91 5.46 17.49 23.21
CA LEU A 91 5.84 18.77 23.82
C LEU A 91 6.08 18.52 25.30
N CYS A 92 7.35 18.53 25.71
CA CYS A 92 7.67 18.30 27.10
C CYS A 92 7.05 19.40 27.97
N TYR A 93 7.15 20.65 27.54
CA TYR A 93 6.45 21.76 28.18
C TYR A 93 5.08 21.86 27.52
N PRO A 94 4.00 21.81 28.33
CA PRO A 94 2.67 21.74 27.72
C PRO A 94 2.36 22.92 26.81
N GLY A 95 1.59 22.65 25.77
CA GLY A 95 1.16 23.68 24.86
C GLY A 95 0.60 23.16 23.56
N ASP A 96 0.77 23.96 22.51
CA ASP A 96 0.17 23.69 21.20
C ASP A 96 1.16 24.00 20.10
N PHE A 97 0.89 23.44 18.93
CA PHE A 97 1.71 23.66 17.76
C PHE A 97 0.73 24.06 16.66
N ASN A 98 0.85 25.29 16.20
CA ASN A 98 -0.05 25.85 15.20
C ASN A 98 0.08 25.17 13.82
N ASP A 99 -1.06 24.87 13.19
CA ASP A 99 -1.10 24.18 11.90
C ASP A 99 -0.18 22.96 11.88
N TYR A 100 -0.30 22.14 12.92
CA TYR A 100 0.61 21.01 13.12
C TYR A 100 0.43 19.94 12.05
N GLU A 101 -0.80 19.64 11.72
CA GLU A 101 -1.11 18.57 10.77
C GLU A 101 -0.66 18.93 9.36
N GLU A 102 -0.82 20.19 8.97
CA GLU A 102 -0.28 20.64 7.69
C GLU A 102 1.24 20.54 7.67
N LEU A 103 1.91 20.89 8.76
CA LEU A 103 3.37 20.78 8.78
C LEU A 103 3.80 19.33 8.62
N LYS A 104 3.14 18.42 9.35
CA LYS A 104 3.44 16.99 9.21
C LYS A 104 3.24 16.49 7.79
N HIS A 105 2.18 16.94 7.14
CA HIS A 105 1.93 16.57 5.77
C HIS A 105 3.07 17.05 4.87
N LEU A 106 3.48 18.30 5.06
CA LEU A 106 4.57 18.90 4.29
C LEU A 106 5.87 18.12 4.47
N LEU A 107 6.13 17.68 5.70
CA LEU A 107 7.37 16.97 6.01
C LEU A 107 7.35 15.46 5.75
N SER A 108 6.21 14.93 5.32
CA SER A 108 6.03 13.49 5.16
C SER A 108 7.02 12.85 4.18
N ARG A 109 7.31 13.55 3.08
CA ARG A 109 8.31 13.12 2.10
C ARG A 109 9.23 14.31 1.80
N ILE A 110 10.54 14.10 1.94
CA ILE A 110 11.52 15.18 1.84
C ILE A 110 12.72 14.69 1.04
N ASN A 111 13.15 15.53 0.10
CA ASN A 111 14.26 15.21 -0.80
C ASN A 111 15.60 15.65 -0.19
N HIS A 112 15.60 16.80 0.47
CA HIS A 112 16.77 17.24 1.24
C HIS A 112 16.33 17.92 2.53
N PHE A 113 17.04 17.60 3.62
CA PHE A 113 16.76 18.12 4.94
C PHE A 113 18.08 18.35 5.66
N GLU A 114 18.29 19.56 6.18
CA GLU A 114 19.54 19.91 6.84
C GLU A 114 19.32 20.97 7.91
N LYS A 115 19.61 20.63 9.16
CA LYS A 115 19.51 21.57 10.27
C LYS A 115 20.67 22.57 10.22
N ILE A 116 20.36 23.86 10.32
CA ILE A 116 21.41 24.88 10.39
C ILE A 116 21.14 25.88 11.51
N GLN A 117 22.23 26.47 12.02
CA GLN A 117 22.12 27.48 13.04
C GLN A 117 21.82 28.80 12.37
N ILE A 118 20.74 29.46 12.75
CA ILE A 118 20.38 30.76 12.17
C ILE A 118 20.52 31.95 13.14
N ILE A 119 20.34 31.72 14.44
CA ILE A 119 20.63 32.76 15.43
C ILE A 119 21.40 32.11 16.57
N PRO A 120 22.72 32.37 16.64
CA PRO A 120 23.51 31.80 17.72
C PRO A 120 22.97 32.14 19.10
N LYS A 121 22.88 31.13 19.96
CA LYS A 121 22.42 31.30 21.33
C LYS A 121 23.31 32.29 22.11
N SER A 122 24.55 32.43 21.67
CA SER A 122 25.50 33.34 22.29
C SER A 122 25.35 34.81 21.86
N SER A 123 24.41 35.10 20.96
CA SER A 123 24.27 36.45 20.39
C SER A 123 23.28 37.32 21.16
N TRP A 124 22.63 36.76 22.17
CA TRP A 124 21.65 37.49 22.97
C TRP A 124 22.33 38.23 24.12
N SER A 125 22.95 39.37 23.81
CA SER A 125 23.79 40.11 24.77
C SER A 125 23.00 40.89 25.83
N SER A 126 21.76 41.24 25.50
CA SER A 126 20.91 42.09 26.35
C SER A 126 19.80 41.31 27.06
N HIS A 127 19.76 40.00 26.86
CA HIS A 127 18.80 39.14 27.54
C HIS A 127 19.52 37.96 28.16
N GLU A 128 18.83 37.24 29.03
CA GLU A 128 19.35 36.02 29.61
C GLU A 128 18.92 34.86 28.71
N ALA A 129 19.88 34.12 28.18
CA ALA A 129 19.60 33.04 27.24
C ALA A 129 19.84 31.64 27.80
N SER A 130 20.34 31.55 29.04
CA SER A 130 20.71 30.26 29.63
C SER A 130 19.92 29.88 30.88
N LEU A 131 18.81 30.57 31.15
CA LEU A 131 17.95 30.23 32.28
C LEU A 131 16.57 29.75 31.83
N GLY A 132 16.43 29.51 30.54
CA GLY A 132 15.16 29.13 29.94
C GLY A 132 14.90 27.64 30.03
N VAL A 133 14.65 27.16 31.24
CA VAL A 133 14.56 25.74 31.50
C VAL A 133 13.38 25.42 32.40
N SER A 134 13.02 24.15 32.43
CA SER A 134 11.88 23.68 33.21
C SER A 134 12.11 22.24 33.64
N SER A 135 11.60 21.88 34.82
CA SER A 135 11.67 20.48 35.27
C SER A 135 10.80 19.58 34.39
N ALA A 136 9.87 20.17 33.65
CA ALA A 136 9.06 19.42 32.68
C ALA A 136 9.83 18.99 31.42
N CYS A 137 11.02 19.55 31.20
CA CYS A 137 11.88 19.16 30.06
C CYS A 137 13.28 18.76 30.55
N PRO A 138 13.37 17.61 31.24
CA PRO A 138 14.67 17.21 31.78
C PRO A 138 15.65 16.75 30.71
N TYR A 139 16.93 17.03 30.95
CA TYR A 139 18.02 16.45 30.20
C TYR A 139 19.14 16.04 31.18
N GLN A 140 19.34 14.73 31.33
CA GLN A 140 20.37 14.16 32.21
C GLN A 140 20.21 14.57 33.68
N GLY A 141 18.99 14.45 34.21
CA GLY A 141 18.70 14.82 35.59
C GLY A 141 18.80 16.30 35.92
N LYS A 142 18.84 17.15 34.90
CA LYS A 142 18.85 18.61 35.06
C LYS A 142 17.68 19.18 34.28
N SER A 143 17.08 20.26 34.80
CA SER A 143 16.04 20.97 34.05
C SER A 143 16.63 21.51 32.76
N SER A 144 15.87 21.40 31.68
CA SER A 144 16.33 21.83 30.37
C SER A 144 15.13 22.29 29.54
N PHE A 145 15.26 22.20 28.22
CA PHE A 145 14.24 22.74 27.33
C PHE A 145 14.44 22.18 25.92
N PHE A 146 13.45 22.40 25.07
CA PHE A 146 13.57 22.16 23.64
C PHE A 146 14.90 22.74 23.17
N ARG A 147 15.71 21.92 22.50
CA ARG A 147 17.08 22.29 22.19
C ARG A 147 17.25 23.19 20.95
N ASN A 148 16.23 23.29 20.10
CA ASN A 148 16.38 24.08 18.87
C ASN A 148 15.82 25.49 18.93
N VAL A 149 15.22 25.84 20.07
CA VAL A 149 14.71 27.18 20.31
C VAL A 149 15.19 27.63 21.69
N VAL A 150 15.14 28.93 21.94
CA VAL A 150 15.69 29.52 23.17
C VAL A 150 14.62 30.31 23.90
N TRP A 151 14.38 29.95 25.16
CA TRP A 151 13.47 30.67 26.04
C TRP A 151 14.22 31.81 26.71
N LEU A 152 14.05 33.02 26.18
CA LEU A 152 14.74 34.22 26.70
C LEU A 152 13.99 34.82 27.87
N ILE A 153 14.72 35.24 28.91
CA ILE A 153 14.09 35.97 30.01
C ILE A 153 14.85 37.27 30.27
N LYS A 154 14.31 38.09 31.17
CA LYS A 154 14.89 39.40 31.44
C LYS A 154 16.29 39.26 32.04
N LYS A 155 17.09 40.31 31.85
CA LYS A 155 18.43 40.38 32.39
C LYS A 155 18.56 41.64 33.23
N ASP A 156 18.95 41.47 34.50
CA ASP A 156 19.08 42.59 35.43
C ASP A 156 17.79 43.43 35.50
N SER A 157 16.65 42.77 35.62
CA SER A 157 15.34 43.42 35.72
C SER A 157 14.99 44.30 34.51
N THR A 158 15.45 43.91 33.33
CA THR A 158 15.08 44.61 32.10
C THR A 158 15.07 43.65 30.90
N TYR A 159 14.07 43.83 30.04
CA TYR A 159 13.93 43.03 28.83
C TYR A 159 13.85 44.02 27.68
N PRO A 160 15.01 44.39 27.11
CA PRO A 160 14.99 45.35 26.02
C PRO A 160 14.22 44.80 24.82
N THR A 161 13.64 45.70 24.04
CA THR A 161 12.89 45.26 22.86
C THR A 161 13.87 44.63 21.87
N ILE A 162 13.56 43.41 21.46
CA ILE A 162 14.38 42.66 20.52
C ILE A 162 13.99 43.03 19.09
N LYS A 163 15.00 43.18 18.24
CA LYS A 163 14.82 43.37 16.80
C LYS A 163 15.89 42.57 16.05
N ARG A 164 15.54 41.37 15.59
CA ARG A 164 16.47 40.50 14.87
C ARG A 164 15.92 40.04 13.54
N SER A 165 16.79 39.96 12.55
CA SER A 165 16.43 39.41 11.25
C SER A 165 17.33 38.24 10.93
N TYR A 166 16.80 37.32 10.15
CA TYR A 166 17.61 36.34 9.46
C TYR A 166 17.22 36.34 7.99
N ASN A 167 18.23 36.44 7.14
CA ASN A 167 18.05 36.43 5.71
C ASN A 167 18.45 35.07 5.14
N ASN A 168 17.53 34.42 4.43
CA ASN A 168 17.82 33.12 3.84
C ASN A 168 18.75 33.25 2.63
N THR A 169 20.05 33.17 2.89
CA THR A 169 21.07 33.21 1.86
C THR A 169 21.29 31.85 1.19
N ASN A 170 20.60 30.84 1.67
CA ASN A 170 20.75 29.51 1.12
C ASN A 170 19.96 29.40 -0.19
N GLN A 171 20.17 28.30 -0.90
CA GLN A 171 19.52 28.08 -2.19
C GLN A 171 18.23 27.27 -1.99
N GLU A 172 17.88 27.00 -0.74
CA GLU A 172 16.75 26.15 -0.43
C GLU A 172 15.79 26.85 0.52
N ASP A 173 14.53 26.41 0.51
CA ASP A 173 13.54 26.89 1.46
C ASP A 173 14.02 26.56 2.87
N LEU A 174 13.67 27.43 3.82
CA LEU A 174 14.02 27.22 5.21
C LEU A 174 12.76 27.11 6.05
N LEU A 175 12.63 26.00 6.77
CA LEU A 175 11.59 25.85 7.78
C LEU A 175 12.07 26.49 9.08
N VAL A 176 11.37 27.53 9.52
CA VAL A 176 11.72 28.27 10.71
C VAL A 176 10.64 28.08 11.78
N LEU A 177 11.09 27.84 13.01
CA LEU A 177 10.19 27.61 14.14
C LEU A 177 10.45 28.61 15.26
N TRP A 178 9.38 29.12 15.86
CA TRP A 178 9.45 29.96 17.06
C TRP A 178 8.23 29.74 17.91
N GLY A 179 8.19 30.37 19.08
CA GLY A 179 7.07 30.21 19.99
C GLY A 179 6.77 31.41 20.86
N ILE A 180 5.66 31.29 21.58
CA ILE A 180 5.29 32.25 22.60
C ILE A 180 4.95 31.51 23.87
N HIS A 181 5.31 32.11 25.00
CA HIS A 181 4.99 31.59 26.32
C HIS A 181 3.80 32.36 26.89
N HIS A 182 2.76 31.62 27.25
CA HIS A 182 1.58 32.14 27.90
C HIS A 182 1.68 31.86 29.42
N PRO A 183 2.01 32.89 30.22
CA PRO A 183 2.12 32.67 31.67
C PRO A 183 0.77 32.55 32.38
N ASN A 184 0.81 32.28 33.67
CA ASN A 184 -0.40 32.03 34.46
C ASN A 184 -1.08 33.27 34.96
N ASP A 185 -0.29 34.32 35.21
CA ASP A 185 -0.82 35.59 35.69
C ASP A 185 0.21 36.72 35.53
N ALA A 186 -0.19 37.93 35.90
CA ALA A 186 0.64 39.13 35.67
C ALA A 186 1.89 39.16 36.54
N ALA A 187 1.84 38.54 37.71
CA ALA A 187 3.00 38.46 38.59
C ALA A 187 4.09 37.60 37.95
N GLU A 188 3.72 36.46 37.39
CA GLU A 188 4.69 35.63 36.66
C GLU A 188 5.19 36.37 35.41
N GLN A 189 4.28 37.02 34.69
CA GLN A 189 4.64 37.81 33.51
C GLN A 189 5.81 38.75 33.76
N THR A 190 5.67 39.65 34.74
CA THR A 190 6.72 40.62 35.05
C THR A 190 7.95 39.97 35.70
N LYS A 191 7.75 38.87 36.42
CA LYS A 191 8.88 38.16 37.01
C LYS A 191 9.83 37.64 35.93
N LEU A 192 9.28 37.11 34.84
CA LEU A 192 10.11 36.57 33.76
C LEU A 192 10.59 37.63 32.78
N TYR A 193 9.71 38.57 32.45
CA TYR A 193 9.96 39.47 31.31
C TYR A 193 9.98 40.98 31.63
N GLN A 194 9.74 41.35 32.89
CA GLN A 194 9.71 42.74 33.35
C GLN A 194 8.50 43.53 32.81
N ASN A 195 8.32 43.49 31.50
CA ASN A 195 7.29 44.25 30.81
C ASN A 195 5.92 43.57 30.95
N PRO A 196 4.92 44.30 31.48
CA PRO A 196 3.61 43.66 31.72
C PRO A 196 2.76 43.44 30.46
N THR A 197 2.96 44.24 29.41
CA THR A 197 2.17 44.16 28.19
C THR A 197 3.11 43.95 27.02
N THR A 198 3.02 42.78 26.40
CA THR A 198 4.04 42.33 25.47
C THR A 198 3.46 41.80 24.18
N TYR A 199 4.33 41.65 23.20
CA TYR A 199 3.96 41.13 21.90
C TYR A 199 5.16 40.45 21.26
N ILE A 200 4.89 39.70 20.21
CA ILE A 200 5.91 39.20 19.29
C ILE A 200 5.37 39.46 17.90
N SER A 201 6.08 40.27 17.11
CA SER A 201 5.74 40.48 15.71
C SER A 201 6.71 39.68 14.82
N VAL A 202 6.17 39.09 13.76
CA VAL A 202 6.97 38.30 12.83
C VAL A 202 6.55 38.65 11.40
N GLY A 203 7.50 39.11 10.61
CA GLY A 203 7.21 39.47 9.22
C GLY A 203 8.13 38.81 8.24
N THR A 204 7.59 38.37 7.12
CA THR A 204 8.37 37.93 5.98
C THR A 204 7.81 38.69 4.78
N SER A 205 8.10 38.24 3.57
CA SER A 205 7.44 38.81 2.39
C SER A 205 5.96 38.44 2.32
N THR A 206 5.57 37.36 3.02
CA THR A 206 4.17 36.91 3.04
C THR A 206 3.53 36.91 4.44
N LEU A 207 4.34 36.70 5.47
CA LEU A 207 3.84 36.60 6.85
C LEU A 207 3.70 37.99 7.49
N ASN A 208 2.58 38.20 8.17
CA ASN A 208 2.33 39.43 8.91
C ASN A 208 1.67 39.08 10.25
N GLN A 209 2.49 38.64 11.18
CA GLN A 209 1.98 38.08 12.42
C GLN A 209 2.31 38.98 13.62
N ARG A 210 1.34 39.13 14.52
CA ARG A 210 1.59 39.74 15.82
CA ARG A 210 1.57 39.75 15.83
C ARG A 210 0.88 38.90 16.90
N LEU A 211 1.69 38.27 17.75
CA LEU A 211 1.20 37.42 18.82
C LEU A 211 1.21 38.18 20.13
N VAL A 212 0.25 37.85 21.00
CA VAL A 212 0.20 38.43 22.34
C VAL A 212 -0.08 37.31 23.34
N PRO A 213 0.55 37.37 24.52
CA PRO A 213 0.31 36.30 25.47
C PRO A 213 -1.12 36.36 26.01
N ARG A 214 -1.76 35.19 26.12
CA ARG A 214 -3.09 35.06 26.69
C ARG A 214 -2.98 34.50 28.07
N ILE A 215 -3.47 35.25 29.04
CA ILE A 215 -3.65 34.76 30.38
C ILE A 215 -5.02 34.06 30.47
N ALA A 216 -4.98 32.84 31.00
CA ALA A 216 -6.14 32.12 31.48
C ALA A 216 -5.67 31.37 32.70
N THR A 217 -6.59 31.00 33.57
CA THR A 217 -6.26 30.12 34.69
C THR A 217 -6.45 28.74 34.14
N ARG A 218 -5.35 28.02 34.07
CA ARG A 218 -5.27 26.80 33.32
C ARG A 218 -4.97 25.68 34.28
N SER A 219 -5.37 24.47 33.91
CA SER A 219 -5.08 23.29 34.70
C SER A 219 -3.59 23.01 34.65
N LYS A 220 -3.04 22.47 35.75
CA LYS A 220 -1.65 22.05 35.77
C LYS A 220 -1.47 20.79 34.95
N VAL A 221 -0.51 20.82 34.04
CA VAL A 221 -0.08 19.66 33.27
C VAL A 221 1.41 19.52 33.53
N LYS A 222 1.79 18.35 34.06
CA LYS A 222 3.15 18.13 34.58
C LYS A 222 3.52 19.22 35.58
N GLY A 223 2.57 19.57 36.43
CA GLY A 223 2.76 20.61 37.44
C GLY A 223 2.75 22.05 36.96
N LEU A 224 2.49 22.27 35.67
CA LEU A 224 2.59 23.61 35.09
C LEU A 224 1.27 24.09 34.49
N SER A 225 0.89 25.31 34.87
CA SER A 225 -0.28 25.98 34.31
C SER A 225 0.09 26.89 33.13
N GLY A 226 1.39 27.15 32.93
CA GLY A 226 1.87 27.92 31.78
C GLY A 226 1.75 27.11 30.50
N ARG A 227 1.83 27.77 29.35
CA ARG A 227 1.75 27.08 28.04
C ARG A 227 2.74 27.68 27.05
N MET A 228 3.24 26.84 26.16
CA MET A 228 4.06 27.28 25.02
C MET A 228 3.25 27.02 23.78
N GLU A 229 3.23 27.98 22.86
CA GLU A 229 2.51 27.80 21.62
C GLU A 229 3.51 28.05 20.50
N PHE A 230 3.67 27.08 19.60
CA PHE A 230 4.68 27.17 18.54
C PHE A 230 4.10 27.45 17.17
N PHE A 231 4.89 28.14 16.38
CA PHE A 231 4.51 28.61 15.06
C PHE A 231 5.61 28.32 14.07
N TRP A 232 5.28 28.32 12.79
CA TRP A 232 6.28 28.04 11.77
C TRP A 232 5.96 28.73 10.46
N THR A 233 7.00 28.90 9.65
CA THR A 233 6.81 29.35 8.29
C THR A 233 7.90 28.76 7.41
N ILE A 234 7.67 28.83 6.10
CA ILE A 234 8.66 28.47 5.11
C ILE A 234 9.23 29.77 4.57
N LEU A 235 10.51 29.99 4.81
CA LEU A 235 11.18 31.20 4.38
C LEU A 235 11.87 30.90 3.06
N LYS A 236 11.44 31.57 2.00
CA LYS A 236 11.95 31.33 0.66
C LYS A 236 13.37 31.89 0.51
N PRO A 237 14.16 31.33 -0.41
CA PRO A 237 15.49 31.86 -0.68
C PRO A 237 15.46 33.37 -0.97
N ASN A 238 16.30 34.11 -0.26
CA ASN A 238 16.43 35.57 -0.43
C ASN A 238 15.35 36.39 0.27
N ASP A 239 14.40 35.73 0.94
CA ASP A 239 13.49 36.45 1.82
C ASP A 239 14.14 36.54 3.20
N ALA A 240 13.64 37.47 4.01
CA ALA A 240 14.12 37.65 5.36
C ALA A 240 12.97 37.53 6.33
N ILE A 241 13.26 36.99 7.51
CA ILE A 241 12.28 36.92 8.59
C ILE A 241 12.73 37.91 9.66
N ASN A 242 11.80 38.75 10.11
CA ASN A 242 12.10 39.81 11.07
C ASN A 242 11.26 39.62 12.33
N PHE A 243 11.94 39.49 13.47
CA PHE A 243 11.30 39.32 14.76
C PHE A 243 11.41 40.61 15.56
N GLU A 244 10.33 40.99 16.22
CA GLU A 244 10.36 42.04 17.23
C GLU A 244 9.57 41.56 18.45
N SER A 245 10.11 41.77 19.64
CA SER A 245 9.45 41.35 20.86
C SER A 245 9.98 42.07 22.08
N ASN A 246 9.09 42.32 23.04
CA ASN A 246 9.47 42.83 24.35
C ASN A 246 9.05 41.85 25.43
N GLY A 247 8.98 40.58 25.07
CA GLY A 247 8.72 39.52 26.05
C GLY A 247 8.02 38.30 25.50
N ASN A 248 8.14 37.21 26.26
CA ASN A 248 7.41 35.96 26.02
C ASN A 248 7.88 35.23 24.75
N PHE A 249 9.02 35.62 24.21
CA PHE A 249 9.52 35.13 22.94
C PHE A 249 10.39 33.87 23.10
N ILE A 250 10.02 32.81 22.42
CA ILE A 250 10.80 31.59 22.33
C ILE A 250 11.43 31.66 20.94
N ALA A 251 12.70 32.05 20.92
CA ALA A 251 13.38 32.41 19.70
C ALA A 251 13.97 31.21 18.99
N PRO A 252 14.05 31.27 17.65
CA PRO A 252 14.79 30.24 16.93
C PRO A 252 16.27 30.28 17.28
N GLU A 253 16.89 29.10 17.38
CA GLU A 253 18.33 29.01 17.26
C GLU A 253 18.64 28.28 15.95
N TYR A 254 18.05 27.11 15.77
CA TYR A 254 18.24 26.28 14.58
C TYR A 254 16.99 26.25 13.69
N ALA A 255 17.20 26.15 12.38
CA ALA A 255 16.12 26.03 11.42
C ALA A 255 16.52 24.92 10.44
N TYR A 256 15.65 24.60 9.49
CA TYR A 256 15.89 23.47 8.62
C TYR A 256 15.78 23.83 7.14
N LYS A 257 16.86 23.62 6.41
CA LYS A 257 16.82 23.75 4.96
C LYS A 257 16.05 22.55 4.40
N ILE A 258 15.07 22.80 3.54
CA ILE A 258 14.28 21.71 2.97
C ILE A 258 14.17 21.79 1.46
N VAL A 259 14.22 20.63 0.79
CA VAL A 259 13.85 20.52 -0.61
C VAL A 259 12.70 19.52 -0.69
N LYS A 260 11.60 19.96 -1.29
CA LYS A 260 10.34 19.21 -1.36
C LYS A 260 10.08 18.85 -2.82
N LYS A 261 9.84 17.57 -3.12
CA LYS A 261 9.58 17.13 -4.50
C LYS A 261 8.41 16.15 -4.63
N GLY A 262 7.42 16.26 -3.75
CA GLY A 262 6.31 15.31 -3.69
C GLY A 262 5.90 15.06 -2.25
N ASP A 263 4.75 14.42 -2.05
CA ASP A 263 4.23 14.16 -0.72
C ASP A 263 3.95 12.68 -0.47
N SER A 264 3.80 12.33 0.81
CA SER A 264 3.29 11.03 1.22
C SER A 264 2.41 11.27 2.44
N THR A 265 2.68 10.61 3.56
CA THR A 265 1.89 10.82 4.77
C THR A 265 2.62 10.26 5.97
N ILE A 266 1.97 10.34 7.13
CA ILE A 266 2.51 9.82 8.38
C ILE A 266 1.88 8.45 8.60
N MET A 267 2.73 7.43 8.73
CA MET A 267 2.25 6.10 9.02
C MET A 267 2.33 5.89 10.52
N LYS A 268 1.27 5.34 11.08
CA LYS A 268 1.26 4.95 12.47
C LYS A 268 1.59 3.47 12.52
N SER A 269 2.73 3.13 13.14
CA SER A 269 3.15 1.74 13.23
C SER A 269 4.03 1.55 14.46
N GLU A 270 3.93 0.38 15.07
CA GLU A 270 4.75 0.04 16.22
C GLU A 270 5.96 -0.81 15.83
N LEU A 271 6.16 -1.04 14.53
CA LEU A 271 7.28 -1.84 14.06
C LEU A 271 8.56 -1.00 13.94
N GLU A 272 9.71 -1.67 13.93
CA GLU A 272 11.01 -1.02 13.71
C GLU A 272 11.46 -1.27 12.26
N TYR A 273 12.59 -0.67 11.87
CA TYR A 273 13.12 -0.81 10.50
C TYR A 273 13.61 -2.24 10.23
N GLY A 274 13.49 -2.69 8.98
CA GLY A 274 13.88 -4.04 8.60
C GLY A 274 14.90 -4.18 7.49
N ASN A 275 15.58 -3.09 7.12
CA ASN A 275 16.65 -3.13 6.10
C ASN A 275 16.23 -3.82 4.80
N CYS A 276 14.97 -3.60 4.42
CA CYS A 276 14.37 -4.18 3.22
C CYS A 276 13.96 -3.06 2.27
N ASN A 277 13.57 -3.43 1.06
CA ASN A 277 13.06 -2.49 0.07
C ASN A 277 11.70 -2.96 -0.42
N THR A 278 10.79 -2.02 -0.66
CA THR A 278 9.46 -2.37 -1.18
C THR A 278 8.87 -1.27 -2.05
N LYS A 279 7.79 -1.64 -2.74
CA LYS A 279 7.01 -0.71 -3.55
C LYS A 279 5.71 -0.32 -2.84
N CYS A 280 5.31 -1.11 -1.84
CA CYS A 280 4.07 -0.89 -1.12
C CYS A 280 4.22 -1.23 0.37
N GLN A 281 4.13 -0.22 1.23
CA GLN A 281 4.26 -0.44 2.67
C GLN A 281 2.89 -0.36 3.35
N THR A 282 2.64 -1.28 4.28
CA THR A 282 1.52 -1.19 5.22
C THR A 282 2.07 -1.12 6.65
N PRO A 283 1.25 -0.70 7.62
CA PRO A 283 1.73 -0.57 9.00
C PRO A 283 2.09 -1.90 9.69
N MET A 284 1.61 -3.03 9.17
CA MET A 284 1.93 -4.35 9.74
C MET A 284 3.01 -5.10 8.93
N GLY A 285 3.48 -4.49 7.85
CA GLY A 285 4.49 -5.12 7.00
C GLY A 285 4.41 -4.66 5.56
N ALA A 286 5.49 -4.87 4.82
CA ALA A 286 5.54 -4.51 3.41
C ALA A 286 4.98 -5.64 2.55
N ILE A 287 4.42 -5.30 1.40
CA ILE A 287 3.85 -6.32 0.52
C ILE A 287 4.37 -6.17 -0.90
N ASN A 288 4.40 -7.31 -1.60
CA ASN A 288 4.47 -7.35 -3.06
C ASN A 288 3.34 -6.54 -3.69
N SER A 289 3.59 -6.03 -4.88
CA SER A 289 2.55 -5.40 -5.69
C SER A 289 2.43 -6.07 -7.07
N SER A 290 2.57 -7.39 -7.12
CA SER A 290 2.30 -8.14 -8.37
C SER A 290 0.81 -8.47 -8.57
N MET A 291 0.13 -8.86 -7.50
CA MET A 291 -1.29 -9.26 -7.57
C MET A 291 -2.16 -8.01 -7.71
N PRO A 292 -3.34 -8.14 -8.34
CA PRO A 292 -4.24 -6.99 -8.52
C PRO A 292 -4.97 -6.54 -7.25
N PHE A 293 -5.11 -7.45 -6.29
CA PHE A 293 -5.89 -7.19 -5.07
C PHE A 293 -5.11 -7.64 -3.85
N HIS A 294 -5.37 -6.99 -2.72
CA HIS A 294 -4.84 -7.46 -1.44
C HIS A 294 -5.86 -7.21 -0.33
N ASN A 295 -5.67 -7.86 0.81
CA ASN A 295 -6.55 -7.72 1.95
C ASN A 295 -5.82 -7.47 3.27
N ILE A 296 -4.60 -6.95 3.20
CA ILE A 296 -3.73 -6.82 4.37
C ILE A 296 -4.12 -5.66 5.31
N HIS A 297 -4.24 -4.46 4.77
CA HIS A 297 -4.46 -3.25 5.57
C HIS A 297 -4.80 -2.08 4.65
N PRO A 298 -5.76 -1.22 5.03
CA PRO A 298 -6.11 -0.07 4.17
C PRO A 298 -5.11 1.12 4.16
N LEU A 299 -4.38 1.30 5.25
CA LEU A 299 -3.50 2.47 5.41
C LEU A 299 -2.11 2.25 4.79
N THR A 300 -2.11 2.07 3.46
CA THR A 300 -0.90 1.77 2.73
C THR A 300 -0.26 3.03 2.13
N ILE A 301 1.05 2.95 1.95
CA ILE A 301 1.82 3.98 1.26
C ILE A 301 2.60 3.33 0.15
N GLY A 302 2.41 3.82 -1.08
CA GLY A 302 3.14 3.32 -2.24
C GLY A 302 2.24 2.98 -3.41
N GLU A 303 2.72 2.08 -4.26
CA GLU A 303 1.97 1.60 -5.41
C GLU A 303 1.46 0.22 -5.08
N CYS A 304 0.21 0.15 -4.67
CA CYS A 304 -0.31 -1.04 -4.03
C CYS A 304 -1.40 -1.71 -4.87
N PRO A 305 -1.64 -3.01 -4.63
CA PRO A 305 -2.84 -3.64 -5.20
C PRO A 305 -4.11 -2.96 -4.64
N LYS A 306 -5.26 -3.26 -5.22
CA LYS A 306 -6.50 -2.67 -4.73
C LYS A 306 -6.95 -3.41 -3.48
N TYR A 307 -7.30 -2.65 -2.45
CA TYR A 307 -7.69 -3.21 -1.15
C TYR A 307 -9.15 -3.72 -1.19
N VAL A 308 -9.35 -4.98 -0.84
CA VAL A 308 -10.68 -5.60 -0.85
C VAL A 308 -10.98 -6.32 0.45
N LYS A 309 -12.26 -6.52 0.73
CA LYS A 309 -12.70 -7.33 1.87
C LYS A 309 -13.02 -8.72 1.34
N SER A 310 -12.01 -9.58 1.33
CA SER A 310 -12.13 -10.92 0.77
C SER A 310 -11.03 -11.79 1.35
N ASN A 311 -11.34 -13.06 1.55
CA ASN A 311 -10.34 -14.01 2.04
C ASN A 311 -9.72 -14.86 0.92
N ARG A 312 -10.30 -14.82 -0.29
CA ARG A 312 -9.75 -15.57 -1.43
C ARG A 312 -10.39 -15.14 -2.74
N LEU A 313 -9.56 -15.06 -3.77
CA LEU A 313 -10.02 -14.79 -5.13
C LEU A 313 -9.31 -15.80 -6.04
N VAL A 314 -9.94 -16.95 -6.23
CA VAL A 314 -9.28 -18.06 -6.92
C VAL A 314 -9.85 -18.27 -8.30
N LEU A 315 -9.00 -18.06 -9.30
CA LEU A 315 -9.37 -18.31 -10.69
C LEU A 315 -9.12 -19.75 -11.10
N ALA A 316 -10.08 -20.31 -11.83
CA ALA A 316 -9.87 -21.58 -12.51
C ALA A 316 -8.88 -21.38 -13.66
N ILE A 317 -7.95 -22.32 -13.81
CA ILE A 317 -7.06 -22.39 -14.96
C ILE A 317 -7.40 -23.66 -15.73
N GLY A 318 -7.39 -24.80 -15.03
CA GLY A 318 -7.68 -26.08 -15.63
C GLY A 318 -9.16 -26.41 -15.71
N LEU A 319 -9.46 -27.70 -15.81
CA LEU A 319 -10.82 -28.15 -16.11
C LEU A 319 -11.50 -28.78 -14.89
N ARG A 320 -12.81 -28.95 -15.00
CA ARG A 320 -13.56 -29.72 -14.01
C ARG A 320 -12.86 -31.05 -13.71
N ASN A 321 -12.62 -31.30 -12.43
CA ASN A 321 -11.92 -32.50 -11.99
C ASN A 321 -12.76 -33.16 -10.89
N SER A 322 -13.09 -34.43 -11.05
CA SER A 322 -13.83 -35.18 -10.01
C SER A 322 -13.19 -34.97 -8.63
N PRO A 323 -14.00 -34.60 -7.61
CA PRO A 323 -13.49 -34.39 -6.24
C PRO A 323 -13.24 -35.66 -5.42
N GLN A 324 -12.57 -35.50 -4.28
CA GLN A 324 -12.28 -36.60 -3.34
C GLN A 324 -13.49 -36.94 -2.46
N GLY B 1 -22.50 -28.81 -18.38
CA GLY B 1 -21.81 -27.59 -18.90
C GLY B 1 -22.45 -27.11 -20.19
N LEU B 2 -22.06 -25.92 -20.62
CA LEU B 2 -22.73 -25.23 -21.71
C LEU B 2 -22.65 -26.00 -23.02
N PHE B 3 -21.55 -26.70 -23.25
CA PHE B 3 -21.32 -27.36 -24.52
C PHE B 3 -21.59 -28.86 -24.47
N GLY B 4 -21.96 -29.36 -23.29
CA GLY B 4 -22.50 -30.70 -23.15
C GLY B 4 -21.51 -31.86 -23.17
N ALA B 5 -20.22 -31.56 -23.33
CA ALA B 5 -19.20 -32.61 -23.45
C ALA B 5 -18.62 -32.98 -22.09
N ILE B 6 -17.89 -32.05 -21.46
CA ILE B 6 -17.21 -32.33 -20.18
C ILE B 6 -18.23 -32.59 -19.08
N ALA B 7 -18.07 -33.70 -18.37
CA ALA B 7 -19.04 -34.12 -17.36
C ALA B 7 -20.45 -34.08 -17.95
N GLY B 8 -20.55 -34.49 -19.22
CA GLY B 8 -21.77 -34.42 -20.00
C GLY B 8 -21.88 -35.73 -20.73
N PHE B 9 -21.86 -35.71 -22.06
CA PHE B 9 -21.83 -36.97 -22.80
C PHE B 9 -20.48 -37.66 -22.63
N ILE B 10 -19.43 -36.89 -22.33
CA ILE B 10 -18.16 -37.47 -21.90
C ILE B 10 -18.15 -37.36 -20.39
N GLU B 11 -18.44 -38.48 -19.73
CA GLU B 11 -18.90 -38.40 -18.35
C GLU B 11 -17.82 -38.05 -17.33
N GLY B 12 -16.57 -38.39 -17.62
CA GLY B 12 -15.48 -38.10 -16.71
C GLY B 12 -14.14 -37.89 -17.40
N GLY B 13 -13.18 -37.37 -16.64
CA GLY B 13 -11.82 -37.12 -17.16
C GLY B 13 -10.92 -38.34 -17.05
N TRP B 14 -9.73 -38.24 -17.65
CA TRP B 14 -8.77 -39.34 -17.72
C TRP B 14 -7.48 -39.04 -16.95
N GLN B 15 -7.30 -39.69 -15.80
CA GLN B 15 -6.02 -39.67 -15.05
C GLN B 15 -4.84 -40.12 -15.90
N GLY B 16 -5.10 -41.05 -16.82
CA GLY B 16 -4.05 -41.64 -17.65
C GLY B 16 -3.55 -40.75 -18.77
N MET B 17 -4.23 -39.64 -19.06
CA MET B 17 -3.72 -38.69 -20.05
C MET B 17 -2.98 -37.57 -19.33
N VAL B 18 -1.67 -37.74 -19.18
CA VAL B 18 -0.87 -36.84 -18.35
C VAL B 18 -0.26 -35.65 -19.12
N ASP B 19 -0.18 -35.75 -20.44
CA ASP B 19 0.63 -34.81 -21.23
C ASP B 19 -0.17 -33.77 -22.03
N GLY B 20 -1.42 -33.57 -21.67
CA GLY B 20 -2.22 -32.56 -22.34
C GLY B 20 -3.55 -32.42 -21.67
N TRP B 21 -4.30 -31.39 -22.06
CA TRP B 21 -5.64 -31.16 -21.51
C TRP B 21 -6.72 -31.96 -22.21
N TYR B 22 -6.58 -32.12 -23.52
CA TYR B 22 -7.60 -32.76 -24.34
C TYR B 22 -6.91 -33.77 -25.24
N GLY B 23 -7.60 -34.85 -25.58
CA GLY B 23 -7.01 -35.82 -26.49
C GLY B 23 -7.82 -37.06 -26.72
N TYR B 24 -7.11 -38.16 -27.01
CA TYR B 24 -7.72 -39.36 -27.57
C TYR B 24 -7.28 -40.60 -26.84
N HIS B 25 -8.18 -41.57 -26.72
CA HIS B 25 -7.81 -42.88 -26.24
C HIS B 25 -8.24 -43.84 -27.32
N HIS B 26 -7.36 -44.75 -27.68
CA HIS B 26 -7.66 -45.74 -28.70
C HIS B 26 -7.50 -47.12 -28.11
N SER B 27 -8.25 -48.07 -28.66
CA SER B 27 -8.03 -49.50 -28.42
C SER B 27 -8.24 -50.27 -29.70
N ASN B 28 -7.27 -51.11 -30.01
CA ASN B 28 -7.35 -51.98 -31.18
C ASN B 28 -6.62 -53.28 -30.87
N GLU B 29 -6.42 -54.12 -31.87
CA GLU B 29 -5.77 -55.42 -31.65
C GLU B 29 -4.33 -55.33 -31.16
N GLN B 30 -3.66 -54.22 -31.46
CA GLN B 30 -2.28 -53.96 -31.03
C GLN B 30 -2.17 -53.49 -29.55
N GLY B 31 -3.21 -52.86 -29.04
CA GLY B 31 -3.19 -52.40 -27.64
C GLY B 31 -4.02 -51.14 -27.47
N SER B 32 -3.66 -50.33 -26.50
CA SER B 32 -4.44 -49.14 -26.19
C SER B 32 -3.59 -48.08 -25.54
N GLY B 33 -4.11 -46.87 -25.50
CA GLY B 33 -3.40 -45.79 -24.84
C GLY B 33 -3.98 -44.43 -25.15
N TYR B 34 -3.35 -43.43 -24.53
CA TYR B 34 -3.78 -42.04 -24.58
C TYR B 34 -2.80 -41.20 -25.39
N ALA B 35 -3.33 -40.28 -26.19
CA ALA B 35 -2.51 -39.32 -26.92
C ALA B 35 -3.12 -37.93 -26.75
N ALA B 36 -2.31 -37.00 -26.26
CA ALA B 36 -2.72 -35.60 -26.12
C ALA B 36 -2.93 -35.00 -27.51
N ASP B 37 -3.94 -34.17 -27.67
CA ASP B 37 -4.01 -33.30 -28.85
C ASP B 37 -3.20 -32.06 -28.52
N LYS B 38 -2.02 -31.94 -29.13
CA LYS B 38 -1.08 -30.91 -28.74
C LYS B 38 -1.55 -29.52 -29.13
N GLU B 39 -2.09 -29.39 -30.34
CA GLU B 39 -2.52 -28.09 -30.86
C GLU B 39 -3.67 -27.49 -30.05
N SER B 40 -4.72 -28.25 -29.79
CA SER B 40 -5.84 -27.73 -29.00
C SER B 40 -5.41 -27.42 -27.57
N THR B 41 -4.55 -28.25 -27.00
CA THR B 41 -4.05 -28.02 -25.65
C THR B 41 -3.26 -26.71 -25.59
N GLN B 42 -2.34 -26.50 -26.53
CA GLN B 42 -1.51 -25.30 -26.51
C GLN B 42 -2.35 -24.03 -26.74
N LYS B 43 -3.31 -24.08 -27.66
CA LYS B 43 -4.18 -22.94 -27.90
C LYS B 43 -4.97 -22.59 -26.65
N ALA B 44 -5.42 -23.61 -25.95
CA ALA B 44 -6.17 -23.42 -24.70
C ALA B 44 -5.29 -22.82 -23.59
N ILE B 45 -4.07 -23.31 -23.47
CA ILE B 45 -3.15 -22.78 -22.48
C ILE B 45 -2.86 -21.31 -22.74
N ASP B 46 -2.61 -20.96 -23.99
CA ASP B 46 -2.37 -19.58 -24.38
C ASP B 46 -3.58 -18.70 -24.05
N GLY B 47 -4.77 -19.23 -24.30
CA GLY B 47 -6.01 -18.50 -24.09
C GLY B 47 -6.28 -18.18 -22.63
N VAL B 48 -6.19 -19.19 -21.78
CA VAL B 48 -6.40 -19.00 -20.36
C VAL B 48 -5.29 -18.13 -19.76
N THR B 49 -4.04 -18.35 -20.18
CA THR B 49 -2.94 -17.52 -19.74
C THR B 49 -3.16 -16.05 -20.08
N ASN B 50 -3.59 -15.78 -21.31
CA ASN B 50 -3.92 -14.43 -21.72
C ASN B 50 -5.02 -13.79 -20.87
N LYS B 51 -6.05 -14.56 -20.55
CA LYS B 51 -7.12 -14.08 -19.68
C LYS B 51 -6.60 -13.69 -18.30
N VAL B 52 -5.81 -14.55 -17.68
CA VAL B 52 -5.30 -14.24 -16.35
C VAL B 52 -4.40 -13.00 -16.39
N ASN B 53 -3.49 -12.96 -17.37
CA ASN B 53 -2.60 -11.82 -17.51
C ASN B 53 -3.34 -10.52 -17.79
N SER B 54 -4.45 -10.58 -18.51
CA SER B 54 -5.29 -9.38 -18.75
C SER B 54 -5.92 -8.86 -17.46
N ILE B 55 -6.49 -9.77 -16.68
CA ILE B 55 -7.09 -9.44 -15.39
C ILE B 55 -6.08 -8.76 -14.46
N ILE B 56 -4.84 -9.22 -14.52
CA ILE B 56 -3.77 -8.68 -13.71
C ILE B 56 -3.23 -7.39 -14.32
N ASP B 57 -2.86 -7.43 -15.59
CA ASP B 57 -2.11 -6.34 -16.24
C ASP B 57 -2.93 -5.08 -16.54
N LYS B 58 -4.25 -5.20 -16.72
CA LYS B 58 -5.07 -4.02 -17.05
C LYS B 58 -5.34 -3.12 -15.84
N MET B 59 -4.96 -3.57 -14.65
CA MET B 59 -5.08 -2.77 -13.44
C MET B 59 -4.14 -1.59 -13.54
N ASN B 60 -4.67 -0.39 -13.38
CA ASN B 60 -3.85 0.81 -13.25
C ASN B 60 -3.51 0.97 -11.77
N THR B 61 -2.22 0.97 -11.47
CA THR B 61 -1.72 1.14 -10.11
C THR B 61 -0.97 2.46 -10.08
N GLN B 62 -1.27 3.29 -9.07
CA GLN B 62 -0.51 4.52 -8.89
C GLN B 62 -0.18 4.76 -7.43
N PHE B 63 0.85 5.56 -7.20
CA PHE B 63 1.29 5.87 -5.85
C PHE B 63 0.17 6.60 -5.10
N GLU B 64 -0.15 6.11 -3.91
CA GLU B 64 -1.00 6.86 -2.99
C GLU B 64 -0.46 6.67 -1.58
N ALA B 65 -0.71 7.67 -0.74
CA ALA B 65 -0.28 7.65 0.66
C ALA B 65 -1.53 7.79 1.52
N VAL B 66 -1.89 6.71 2.20
CA VAL B 66 -3.12 6.62 2.96
C VAL B 66 -2.82 6.67 4.45
N GLY B 67 -3.23 7.76 5.09
CA GLY B 67 -3.08 7.93 6.53
C GLY B 67 -4.33 8.55 7.14
N ARG B 68 -4.18 9.09 8.34
CA ARG B 68 -5.27 9.73 9.06
C ARG B 68 -4.73 11.04 9.59
N GLU B 69 -4.85 12.09 8.78
CA GLU B 69 -4.18 13.37 9.10
C GLU B 69 -5.09 14.50 9.56
N PHE B 70 -6.35 14.21 9.83
CA PHE B 70 -7.27 15.21 10.34
C PHE B 70 -7.40 15.12 11.86
N ASN B 71 -7.57 16.27 12.51
CA ASN B 71 -7.60 16.36 13.98
C ASN B 71 -9.02 16.31 14.55
N ASN B 72 -9.12 16.49 15.86
CA ASN B 72 -10.38 16.31 16.59
C ASN B 72 -11.50 17.28 16.21
N LEU B 73 -11.15 18.44 15.66
CA LEU B 73 -12.15 19.41 15.19
C LEU B 73 -12.23 19.45 13.66
N GLU B 74 -11.82 18.35 13.03
CA GLU B 74 -11.94 18.13 11.58
C GLU B 74 -12.61 16.77 11.32
N ARG B 75 -13.56 16.40 12.18
CA ARG B 75 -14.22 15.10 12.06
C ARG B 75 -15.14 15.03 10.83
N ARG B 76 -15.74 16.14 10.42
CA ARG B 76 -16.57 16.11 9.21
C ARG B 76 -15.73 15.75 7.96
N ILE B 77 -14.53 16.29 7.87
CA ILE B 77 -13.66 15.96 6.74
C ILE B 77 -13.15 14.53 6.87
N GLU B 78 -12.85 14.10 8.08
CA GLU B 78 -12.48 12.72 8.36
C GLU B 78 -13.58 11.74 7.87
N ASN B 79 -14.85 12.09 8.13
CA ASN B 79 -15.97 11.28 7.64
C ASN B 79 -16.07 11.26 6.10
N LEU B 80 -15.78 12.38 5.45
CA LEU B 80 -15.76 12.42 3.99
C LEU B 80 -14.72 11.41 3.47
N ASN B 81 -13.56 11.38 4.10
CA ASN B 81 -12.56 10.39 3.72
C ASN B 81 -13.03 8.96 3.97
N LYS B 82 -13.70 8.72 5.09
CA LYS B 82 -14.23 7.39 5.39
C LYS B 82 -15.22 6.93 4.31
N LYS B 83 -16.19 7.79 3.96
CA LYS B 83 -17.17 7.46 2.92
C LYS B 83 -16.46 7.15 1.60
N MET B 84 -15.41 7.90 1.27
CA MET B 84 -14.63 7.64 0.06
C MET B 84 -13.93 6.29 0.08
N GLU B 85 -13.14 6.06 1.13
CA GLU B 85 -12.43 4.79 1.34
C GLU B 85 -13.34 3.58 1.36
N ASP B 86 -14.41 3.67 2.14
CA ASP B 86 -15.38 2.59 2.20
C ASP B 86 -16.05 2.39 0.83
N GLY B 87 -16.34 3.49 0.13
CA GLY B 87 -16.96 3.41 -1.20
C GLY B 87 -16.11 2.61 -2.17
N PHE B 88 -14.82 2.94 -2.25
CA PHE B 88 -13.92 2.23 -3.16
C PHE B 88 -13.74 0.77 -2.75
N LEU B 89 -13.67 0.50 -1.44
CA LEU B 89 -13.59 -0.88 -0.97
C LEU B 89 -14.83 -1.68 -1.41
N ASP B 90 -16.01 -1.08 -1.31
CA ASP B 90 -17.24 -1.74 -1.70
C ASP B 90 -17.22 -2.02 -3.21
N VAL B 91 -16.76 -1.05 -4.01
CA VAL B 91 -16.66 -1.20 -5.46
C VAL B 91 -15.70 -2.32 -5.88
N TRP B 92 -14.48 -2.29 -5.33
CA TRP B 92 -13.44 -3.25 -5.71
C TRP B 92 -13.75 -4.66 -5.22
N THR B 93 -14.32 -4.75 -4.02
CA THR B 93 -14.72 -6.03 -3.47
C THR B 93 -15.80 -6.70 -4.33
N TYR B 94 -16.85 -5.97 -4.67
CA TYR B 94 -17.93 -6.53 -5.47
C TYR B 94 -17.42 -6.92 -6.86
N ASN B 95 -16.69 -6.02 -7.47
CA ASN B 95 -16.20 -6.25 -8.82
C ASN B 95 -15.16 -7.37 -8.88
N ALA B 96 -14.29 -7.49 -7.88
CA ALA B 96 -13.34 -8.60 -7.79
C ALA B 96 -14.05 -9.94 -7.62
N GLU B 97 -15.01 -10.00 -6.69
CA GLU B 97 -15.71 -11.26 -6.42
C GLU B 97 -16.50 -11.72 -7.64
N LEU B 98 -17.24 -10.81 -8.28
CA LEU B 98 -18.05 -11.17 -9.44
C LEU B 98 -17.22 -11.51 -10.66
N LEU B 99 -16.12 -10.78 -10.86
CA LEU B 99 -15.19 -11.06 -11.92
C LEU B 99 -14.70 -12.49 -11.86
N VAL B 100 -14.37 -12.92 -10.63
CA VAL B 100 -13.90 -14.26 -10.41
C VAL B 100 -15.00 -15.27 -10.69
N LEU B 101 -16.21 -15.04 -10.17
CA LEU B 101 -17.30 -15.98 -10.43
C LEU B 101 -17.61 -16.10 -11.92
N MET B 102 -17.66 -14.96 -12.61
CA MET B 102 -18.04 -14.93 -14.03
C MET B 102 -16.96 -15.50 -14.93
N GLU B 103 -15.71 -15.16 -14.65
CA GLU B 103 -14.62 -15.66 -15.46
C GLU B 103 -14.38 -17.16 -15.25
N ASN B 104 -14.62 -17.66 -14.05
CA ASN B 104 -14.50 -19.10 -13.80
C ASN B 104 -15.53 -19.87 -14.61
N GLU B 105 -16.72 -19.30 -14.76
CA GLU B 105 -17.75 -19.91 -15.60
C GLU B 105 -17.29 -19.97 -17.05
N ARG B 106 -16.70 -18.87 -17.50
CA ARG B 106 -16.23 -18.78 -18.87
C ARG B 106 -15.10 -19.76 -19.15
N THR B 107 -14.16 -19.87 -18.22
CA THR B 107 -13.02 -20.76 -18.35
C THR B 107 -13.47 -22.23 -18.44
N LEU B 108 -14.34 -22.66 -17.54
CA LEU B 108 -14.80 -24.04 -17.57
C LEU B 108 -15.58 -24.36 -18.85
N ASP B 109 -16.39 -23.40 -19.32
CA ASP B 109 -17.14 -23.58 -20.56
C ASP B 109 -16.24 -23.54 -21.81
N PHE B 110 -15.16 -22.78 -21.74
CA PHE B 110 -14.14 -22.76 -22.77
C PHE B 110 -13.50 -24.15 -22.93
N HIS B 111 -13.11 -24.78 -21.83
CA HIS B 111 -12.60 -26.16 -21.89
C HIS B 111 -13.64 -27.11 -22.51
N ASP B 112 -14.90 -26.94 -22.12
CA ASP B 112 -16.01 -27.76 -22.61
C ASP B 112 -16.13 -27.64 -24.14
N SER B 113 -16.18 -26.41 -24.64
CA SER B 113 -16.13 -26.10 -26.07
C SER B 113 -14.99 -26.81 -26.80
N ASN B 114 -13.78 -26.74 -26.23
CA ASN B 114 -12.59 -27.28 -26.87
C ASN B 114 -12.72 -28.78 -27.05
N VAL B 115 -13.23 -29.46 -26.03
CA VAL B 115 -13.47 -30.90 -26.09
C VAL B 115 -14.51 -31.25 -27.14
N LYS B 116 -15.61 -30.50 -27.15
CA LYS B 116 -16.69 -30.71 -28.11
C LYS B 116 -16.20 -30.52 -29.53
N ASN B 117 -15.41 -29.47 -29.72
CA ASN B 117 -14.86 -29.16 -31.04
C ASN B 117 -13.94 -30.26 -31.55
N LEU B 118 -13.12 -30.80 -30.65
CA LEU B 118 -12.25 -31.92 -31.00
C LEU B 118 -13.07 -33.16 -31.37
N TYR B 119 -14.09 -33.45 -30.55
CA TYR B 119 -15.02 -34.54 -30.82
C TYR B 119 -15.66 -34.45 -32.21
N ASP B 120 -16.17 -33.27 -32.52
CA ASP B 120 -16.81 -33.03 -33.80
C ASP B 120 -15.85 -33.19 -34.99
N LYS B 121 -14.59 -32.78 -34.83
CA LYS B 121 -13.60 -32.97 -35.89
C LYS B 121 -13.44 -34.44 -36.27
N VAL B 122 -13.41 -35.30 -35.26
CA VAL B 122 -13.29 -36.73 -35.46
C VAL B 122 -14.57 -37.30 -36.06
N ARG B 123 -15.71 -36.90 -35.51
CA ARG B 123 -17.00 -37.36 -36.01
C ARG B 123 -17.16 -37.16 -37.51
N LEU B 124 -16.82 -35.97 -37.98
CA LEU B 124 -17.00 -35.62 -39.39
C LEU B 124 -16.03 -36.36 -40.32
N GLN B 125 -14.86 -36.74 -39.80
CA GLN B 125 -13.93 -37.56 -40.56
C GLN B 125 -14.44 -38.99 -40.74
N LEU B 126 -14.91 -39.59 -39.65
CA LEU B 126 -15.28 -41.00 -39.67
C LEU B 126 -16.61 -41.26 -40.38
N ARG B 127 -17.54 -40.32 -40.25
CA ARG B 127 -18.88 -40.47 -40.83
C ARG B 127 -19.45 -41.85 -40.50
N ASP B 128 -19.92 -42.60 -41.50
CA ASP B 128 -20.56 -43.89 -41.25
C ASP B 128 -19.59 -45.08 -41.32
N ASN B 129 -18.29 -44.80 -41.29
CA ASN B 129 -17.28 -45.87 -41.10
C ASN B 129 -17.13 -46.29 -39.62
N ALA B 130 -17.80 -45.59 -38.72
CA ALA B 130 -17.78 -45.95 -37.30
C ALA B 130 -19.11 -45.61 -36.66
N LYS B 131 -19.46 -46.33 -35.59
CA LYS B 131 -20.66 -46.06 -34.82
C LYS B 131 -20.38 -45.06 -33.70
N GLU B 132 -21.22 -44.03 -33.63
CA GLU B 132 -21.16 -43.06 -32.57
C GLU B 132 -21.89 -43.62 -31.34
N LEU B 133 -21.13 -43.98 -30.30
CA LEU B 133 -21.68 -44.67 -29.14
C LEU B 133 -22.45 -43.77 -28.16
N GLY B 134 -22.11 -42.47 -28.14
CA GLY B 134 -22.81 -41.51 -27.30
C GLY B 134 -22.07 -41.11 -26.04
N ASN B 135 -20.90 -41.69 -25.82
CA ASN B 135 -20.09 -41.47 -24.60
C ASN B 135 -18.72 -40.86 -24.93
N GLY B 136 -18.58 -40.31 -26.14
CA GLY B 136 -17.31 -39.76 -26.60
C GLY B 136 -16.48 -40.71 -27.43
N CYS B 137 -16.94 -41.95 -27.58
CA CYS B 137 -16.24 -43.00 -28.31
C CYS B 137 -16.90 -43.33 -29.65
N PHE B 138 -16.07 -43.78 -30.58
CA PHE B 138 -16.49 -44.24 -31.89
C PHE B 138 -16.02 -45.69 -32.05
N GLU B 139 -16.91 -46.55 -32.53
CA GLU B 139 -16.60 -47.96 -32.71
C GLU B 139 -16.51 -48.24 -34.20
N PHE B 140 -15.31 -48.60 -34.66
CA PHE B 140 -15.05 -48.78 -36.07
C PHE B 140 -15.72 -50.03 -36.65
N TYR B 141 -16.22 -49.89 -37.88
CA TYR B 141 -16.75 -51.01 -38.65
C TYR B 141 -15.64 -51.71 -39.46
N HIS B 142 -14.42 -51.21 -39.35
CA HIS B 142 -13.25 -51.81 -39.98
C HIS B 142 -12.12 -51.87 -38.97
N LYS B 143 -11.13 -52.71 -39.24
CA LYS B 143 -9.92 -52.71 -38.42
C LYS B 143 -9.21 -51.39 -38.61
N CYS B 144 -8.78 -50.79 -37.49
CA CYS B 144 -8.06 -49.53 -37.52
C CYS B 144 -6.79 -49.72 -36.68
N ASP B 145 -5.69 -50.02 -37.37
CA ASP B 145 -4.41 -50.25 -36.70
C ASP B 145 -3.82 -48.94 -36.20
N ASN B 146 -2.61 -48.99 -35.65
CA ASN B 146 -1.98 -47.81 -35.06
C ASN B 146 -1.81 -46.65 -36.04
N GLU B 147 -1.41 -46.96 -37.28
CA GLU B 147 -1.27 -45.94 -38.32
C GLU B 147 -2.62 -45.33 -38.71
N CYS B 148 -3.66 -46.16 -38.76
CA CYS B 148 -5.01 -45.70 -39.00
C CYS B 148 -5.48 -44.78 -37.87
N MET B 149 -5.23 -45.19 -36.63
CA MET B 149 -5.57 -44.35 -35.48
C MET B 149 -4.88 -42.98 -35.55
N GLU B 150 -3.61 -42.97 -35.92
CA GLU B 150 -2.87 -41.71 -36.05
C GLU B 150 -3.46 -40.79 -37.12
N SER B 151 -3.92 -41.38 -38.22
CA SER B 151 -4.55 -40.59 -39.29
C SER B 151 -5.83 -39.90 -38.80
N VAL B 152 -6.54 -40.54 -37.87
CA VAL B 152 -7.71 -39.92 -37.26
C VAL B 152 -7.26 -38.75 -36.39
N ARG B 153 -6.28 -38.99 -35.53
CA ARG B 153 -5.77 -37.96 -34.62
C ARG B 153 -5.16 -36.76 -35.36
N ASN B 154 -4.54 -36.99 -36.52
CA ASN B 154 -3.89 -35.91 -37.28
C ASN B 154 -4.75 -35.35 -38.43
N GLY B 155 -6.01 -35.78 -38.50
CA GLY B 155 -6.97 -35.17 -39.42
C GLY B 155 -6.84 -35.58 -40.87
N THR B 156 -6.19 -36.71 -41.13
CA THR B 156 -5.96 -37.19 -42.49
C THR B 156 -6.59 -38.57 -42.75
N TYR B 157 -7.59 -38.93 -41.95
CA TYR B 157 -8.26 -40.21 -42.11
C TYR B 157 -8.86 -40.32 -43.51
N ASP B 158 -8.59 -41.43 -44.19
CA ASP B 158 -9.03 -41.65 -45.56
C ASP B 158 -10.27 -42.54 -45.57
N TYR B 159 -11.43 -41.91 -45.60
CA TYR B 159 -12.72 -42.62 -45.54
C TYR B 159 -12.91 -43.62 -46.70
N PRO B 160 -12.69 -43.19 -47.96
CA PRO B 160 -12.92 -44.11 -49.09
C PRO B 160 -12.11 -45.41 -49.02
N GLN B 161 -10.99 -45.40 -48.32
CA GLN B 161 -10.13 -46.58 -48.21
C GLN B 161 -10.80 -47.73 -47.43
N TYR B 162 -11.65 -47.40 -46.47
CA TYR B 162 -12.23 -48.39 -45.55
C TYR B 162 -13.71 -48.67 -45.76
N SER B 163 -14.40 -47.83 -46.53
CA SER B 163 -15.86 -47.94 -46.64
C SER B 163 -16.34 -49.33 -47.08
N GLU B 164 -15.59 -49.98 -47.98
CA GLU B 164 -15.91 -51.34 -48.43
C GLU B 164 -15.88 -52.34 -47.27
N GLU B 165 -14.80 -52.30 -46.49
CA GLU B 165 -14.69 -53.14 -45.30
C GLU B 165 -15.78 -52.80 -44.28
N ALA B 166 -16.08 -51.50 -44.15
CA ALA B 166 -17.09 -51.02 -43.20
C ALA B 166 -18.50 -51.50 -43.53
N ARG B 167 -18.81 -51.58 -44.82
CA ARG B 167 -20.13 -52.02 -45.28
C ARG B 167 -20.13 -53.45 -45.79
C1 NAG C . 18.16 39.26 1.84
C2 NAG C . 17.30 40.50 1.56
C3 NAG C . 17.53 41.03 0.15
C4 NAG C . 19.02 41.15 -0.10
C5 NAG C . 19.65 39.77 0.04
C6 NAG C . 21.13 39.78 -0.31
C7 NAG C . 14.96 40.88 2.34
C8 NAG C . 15.34 42.09 3.14
N2 NAG C . 15.88 40.19 1.67
O3 NAG C . 16.90 42.28 0.04
O4 NAG C . 19.23 41.63 -1.39
O5 NAG C . 19.50 39.39 1.39
O6 NAG C . 21.74 40.80 0.47
O7 NAG C . 13.78 40.52 2.34
C1 NAG C . 19.90 42.91 -1.39
C2 NAG C . 20.35 43.24 -2.81
C3 NAG C . 21.24 44.49 -2.73
C4 NAG C . 20.49 45.63 -2.04
C5 NAG C . 19.72 45.21 -0.78
C6 NAG C . 18.70 46.28 -0.38
C7 NAG C . 20.62 41.17 -4.16
C8 NAG C . 19.14 41.12 -4.42
N2 NAG C . 21.11 42.15 -3.41
O3 NAG C . 21.71 44.87 -4.01
O4 NAG C . 21.42 46.59 -1.57
O5 NAG C . 19.07 43.96 -0.89
O6 NAG C . 18.61 46.25 1.02
O7 NAG C . 21.34 40.27 -4.64
C1 BMA C . 21.61 47.68 -2.48
C2 BMA C . 22.05 48.94 -1.72
C3 BMA C . 22.25 50.08 -2.73
C4 BMA C . 23.33 49.64 -3.71
C5 BMA C . 22.82 48.38 -4.43
C6 BMA C . 23.79 47.87 -5.47
O2 BMA C . 23.26 48.57 -1.04
O3 BMA C . 22.65 51.40 -2.30
O4 BMA C . 23.62 50.71 -4.61
O5 BMA C . 22.60 47.35 -3.47
O6 BMA C . 23.07 46.90 -6.23
C1 BMA C . 22.66 51.71 -0.91
C2 BMA C . 23.17 53.13 -0.73
C3 BMA C . 23.52 53.30 0.74
C4 BMA C . 22.38 52.80 1.67
C5 BMA C . 21.60 51.58 1.16
C6 BMA C . 20.22 51.43 1.80
O2 BMA C . 22.22 54.13 -1.13
O3 BMA C . 23.83 54.68 0.98
O4 BMA C . 22.99 52.47 2.92
O5 BMA C . 21.40 51.62 -0.25
O6 BMA C . 19.47 50.45 1.06
C1 MAN C . 23.87 46.42 -7.31
C2 MAN C . 22.95 45.55 -8.16
C3 MAN C . 22.63 44.25 -7.42
C4 MAN C . 23.91 43.55 -6.98
C5 MAN C . 24.81 44.51 -6.18
C6 MAN C . 26.20 43.93 -5.90
O2 MAN C . 23.54 45.36 -9.43
O3 MAN C . 21.79 43.43 -8.22
O4 MAN C . 23.55 42.43 -6.18
O5 MAN C . 25.02 45.73 -6.86
O6 MAN C . 26.87 43.70 -7.12
C1 FUC C . 23.10 41.07 0.03
C2 FUC C . 24.06 40.35 0.96
C3 FUC C . 25.14 41.29 1.48
C4 FUC C . 24.50 42.53 2.10
C5 FUC C . 23.59 43.24 1.09
C6 FUC C . 22.27 43.77 1.68
O2 FUC C . 24.67 39.29 0.26
O3 FUC C . 25.92 40.64 2.44
O4 FUC C . 23.81 42.16 3.27
O5 FUC C . 23.37 42.47 -0.09
C1 NAG D . 1.89 26.63 42.68
C2 NAG D . 2.47 25.24 42.50
C3 NAG D . 3.85 25.24 41.85
C4 NAG D . 3.98 26.25 40.70
C5 NAG D . 3.23 27.55 40.94
C6 NAG D . 3.14 28.38 39.66
C7 NAG D . 1.88 23.84 44.51
C8 NAG D . 0.64 23.32 43.82
N2 NAG D . 2.67 24.70 43.85
O1 NAG D . 0.54 26.55 43.15
O3 NAG D . 4.09 23.92 41.36
O4 NAG D . 5.36 26.57 40.51
O5 NAG D . 1.91 27.30 41.42
O6 NAG D . 2.69 29.71 39.96
O7 NAG D . 2.17 23.48 45.63
C1 GAL D . 6.03 25.75 39.55
C2 GAL D . 7.43 26.29 39.32
C3 GAL D . 8.17 25.40 38.33
C4 GAL D . 8.11 23.93 38.76
C5 GAL D . 6.69 23.51 39.08
C6 GAL D . 6.63 22.09 39.64
O2 GAL D . 7.39 27.62 38.79
O3 GAL D . 9.53 25.82 38.29
O4 GAL D . 8.94 23.74 39.93
O5 GAL D . 6.12 24.41 40.04
O6 GAL D . 5.28 21.63 39.56
C1 SIA D . 10.00 25.03 36.07
C2 SIA D . 10.07 26.21 37.02
C3 SIA D . 11.50 26.61 37.32
C4 SIA D . 12.18 27.27 36.15
C5 SIA D . 11.34 28.45 35.65
C6 SIA D . 9.92 27.96 35.33
C7 SIA D . 9.00 29.08 34.81
C8 SIA D . 7.54 28.66 34.63
C9 SIA D . 6.81 29.65 33.72
C10 SIA D . 12.04 30.18 34.05
C11 SIA D . 12.68 30.43 32.72
N5 SIA D . 11.95 28.89 34.41
O1A SIA D . 10.72 24.03 36.30
O1B SIA D . 9.24 25.06 35.07
O4 SIA D . 13.49 27.71 36.54
O6 SIA D . 9.35 27.34 36.50
O7 SIA D . 9.06 30.19 35.73
O8 SIA D . 7.41 27.36 34.05
O9 SIA D . 5.41 29.32 33.60
O10 SIA D . 11.61 31.09 34.73
C1 NAG E . -0.34 -35.62 -7.19
C2 NAG E . 0.62 -36.18 -6.15
C3 NAG E . 1.98 -35.48 -6.23
C4 NAG E . 2.52 -35.62 -7.65
C5 NAG E . 1.48 -35.02 -8.61
C6 NAG E . 1.95 -35.02 -10.06
C7 NAG E . -0.08 -37.14 -3.98
C8 NAG E . 0.52 -38.46 -4.36
N2 NAG E . 0.01 -36.11 -4.83
O3 NAG E . 2.90 -36.07 -5.33
O4 NAG E . 3.76 -34.97 -7.79
O5 NAG E . 0.25 -35.72 -8.49
O6 NAG E . 2.36 -36.32 -10.45
O7 NAG E . -0.62 -37.02 -2.89
C1 NAG F . -18.45 -24.74 -0.02
C2 NAG F . -19.73 -25.02 0.78
C3 NAG F . -19.74 -24.19 2.04
C4 NAG F . -18.59 -24.66 2.91
C5 NAG F . -17.26 -24.58 2.16
C6 NAG F . -16.26 -25.47 2.89
C7 NAG F . -21.59 -25.75 -0.62
C8 NAG F . -22.83 -25.36 -1.37
N2 NAG F . -20.94 -24.77 0.01
O3 NAG F . -20.96 -24.36 2.72
O4 NAG F . -18.53 -23.89 4.10
O5 NAG F . -17.32 -25.01 0.79
O6 NAG F . -14.96 -24.96 2.83
O7 NAG F . -21.21 -26.94 -0.62
N1 EPE G . -15.64 -45.01 -21.82
C2 EPE G . -16.63 -44.40 -20.94
C3 EPE G . -17.23 -45.44 -19.98
N4 EPE G . -17.40 -46.70 -20.70
C5 EPE G . -16.20 -47.27 -21.28
C6 EPE G . -15.91 -46.32 -22.43
C7 EPE G . -18.72 -47.34 -20.79
C8 EPE G . -18.95 -48.02 -22.15
O8 EPE G . -20.19 -47.60 -22.72
C9 EPE G . -14.39 -44.33 -22.13
C10 EPE G . -13.27 -45.37 -21.92
S EPE G . -11.78 -44.65 -21.99
O1S EPE G . -10.76 -45.48 -21.32
O2S EPE G . -11.89 -43.36 -21.29
O3S EPE G . -11.43 -44.43 -23.41
#